data_2NVM
#
_entry.id   2NVM
#
_cell.length_a   122.440
_cell.length_b   122.440
_cell.length_c   77.076
_cell.angle_alpha   90.000
_cell.angle_beta   90.000
_cell.angle_gamma   120.000
#
_symmetry.space_group_name_H-M   'P 61 2 2'
#
loop_
_entity.id
_entity.type
_entity.pdbx_description
1 polymer 'FdxN element excision controlling factor XisI'
2 water water
#
_entity_poly.entity_id   1
_entity_poly.type   'polypeptide(L)'
_entity_poly.pdbx_seq_one_letter_code
;G(MSE)DKLTHYRHTIQEIIKKYYDLSNSQPATATETKISDDLPDTVGDRLIIDEQRDQYLWLCCGWDGKKRVQHIILYL
QIQNGKIWIEEDSTNLAIVDE(MSE)LVAGIPQTDIILGFHHPSKRGLTEFAIA
;
_entity_poly.pdbx_strand_id   A,B
#
# COMPACT_ATOMS: atom_id res chain seq x y z
N ASP A 3 -16.89 -3.62 18.72
CA ASP A 3 -18.33 -3.57 18.31
C ASP A 3 -18.46 -2.49 17.21
N LYS A 4 -18.11 -1.25 17.57
CA LYS A 4 -18.16 -0.08 16.67
C LYS A 4 -17.08 -0.26 15.61
N LEU A 5 -15.86 -0.58 16.08
CA LEU A 5 -14.72 -0.86 15.20
C LEU A 5 -14.96 -2.03 14.25
N THR A 6 -15.68 -3.06 14.69
CA THR A 6 -16.01 -4.23 13.84
C THR A 6 -16.85 -3.75 12.64
N HIS A 7 -17.89 -2.96 12.93
CA HIS A 7 -18.76 -2.40 11.90
C HIS A 7 -18.00 -1.48 10.91
N TYR A 8 -17.19 -0.58 11.47
CA TYR A 8 -16.36 0.37 10.71
C TYR A 8 -15.41 -0.37 9.77
N ARG A 9 -14.77 -1.44 10.26
CA ARG A 9 -13.89 -2.31 9.47
C ARG A 9 -14.62 -2.96 8.32
N HIS A 10 -15.77 -3.59 8.63
CA HIS A 10 -16.61 -4.27 7.63
CA HIS A 10 -16.59 -4.27 7.59
C HIS A 10 -17.02 -3.29 6.51
N THR A 11 -17.47 -2.09 6.91
CA THR A 11 -17.93 -1.03 5.97
C THR A 11 -16.84 -0.56 5.03
N ILE A 12 -15.67 -0.24 5.58
CA ILE A 12 -14.50 0.19 4.77
C ILE A 12 -14.13 -0.85 3.73
N GLN A 13 -14.05 -2.11 4.15
CA GLN A 13 -13.67 -3.20 3.23
C GLN A 13 -14.65 -3.38 2.10
N GLU A 14 -15.96 -3.34 2.42
CA GLU A 14 -17.03 -3.45 1.42
C GLU A 14 -17.02 -2.28 0.46
N ILE A 15 -16.81 -1.07 0.99
CA ILE A 15 -16.75 0.14 0.15
C ILE A 15 -15.52 0.11 -0.77
N ILE A 16 -14.34 -0.15 -0.21
CA ILE A 16 -13.10 -0.16 -0.99
C ILE A 16 -13.18 -1.26 -2.06
N LYS A 17 -13.68 -2.43 -1.68
CA LYS A 17 -13.91 -3.54 -2.65
C LYS A 17 -14.87 -3.17 -3.78
N LYS A 18 -15.94 -2.42 -3.46
CA LYS A 18 -16.96 -1.97 -4.46
C LYS A 18 -16.32 -1.11 -5.54
N TYR A 19 -15.59 -0.07 -5.12
CA TYR A 19 -14.94 0.86 -6.06
C TYR A 19 -13.79 0.22 -6.84
N TYR A 20 -13.00 -0.65 -6.20
CA TYR A 20 -11.93 -1.46 -6.84
C TYR A 20 -12.49 -2.34 -7.97
N ASP A 21 -13.58 -3.07 -7.68
CA ASP A 21 -14.26 -3.93 -8.66
C ASP A 21 -14.92 -3.13 -9.80
N LEU A 22 -15.43 -1.94 -9.50
CA LEU A 22 -16.10 -1.08 -10.48
C LEU A 22 -15.06 -0.55 -11.53
N SER A 23 -13.82 -0.29 -11.08
CA SER A 23 -12.71 0.13 -11.96
C SER A 23 -12.27 -0.94 -12.97
N ASN A 24 -12.18 -2.20 -12.52
CA ASN A 24 -11.72 -3.34 -13.34
C ASN A 24 -12.73 -4.49 -13.61
N SER A 25 -14.04 -4.17 -13.51
CA SER A 25 -15.17 -5.09 -13.76
C SER A 25 -15.20 -6.37 -12.88
N LEU A 39 -0.23 -8.80 -19.60
CA LEU A 39 1.15 -8.82 -19.11
C LEU A 39 1.22 -8.25 -17.67
N PRO A 40 2.17 -8.72 -16.82
CA PRO A 40 2.28 -8.15 -15.45
C PRO A 40 2.82 -6.69 -15.32
N ASP A 41 3.32 -6.08 -16.42
CA ASP A 41 3.90 -4.71 -16.46
C ASP A 41 3.05 -3.59 -16.99
N THR A 42 1.89 -3.91 -17.56
CA THR A 42 0.92 -2.90 -17.96
C THR A 42 0.33 -2.43 -16.61
N VAL A 43 -0.10 -1.17 -16.56
CA VAL A 43 -0.63 -0.56 -15.32
C VAL A 43 -1.87 -1.37 -14.86
N GLY A 44 -1.76 -1.97 -13.67
CA GLY A 44 -2.80 -2.79 -13.05
C GLY A 44 -3.09 -2.35 -11.61
N ASP A 45 -4.33 -2.56 -11.21
CA ASP A 45 -4.84 -2.20 -9.89
C ASP A 45 -4.51 -3.29 -8.86
N ARG A 46 -4.16 -2.86 -7.65
CA ARG A 46 -3.85 -3.77 -6.53
CA ARG A 46 -3.86 -3.77 -6.54
C ARG A 46 -4.59 -3.24 -5.30
N LEU A 47 -5.16 -4.17 -4.52
CA LEU A 47 -5.86 -3.90 -3.29
C LEU A 47 -4.96 -4.44 -2.18
N ILE A 48 -4.73 -3.62 -1.14
CA ILE A 48 -3.89 -3.98 0.01
C ILE A 48 -4.72 -3.67 1.28
N ILE A 49 -5.31 -4.73 1.85
CA ILE A 49 -6.15 -4.66 3.05
C ILE A 49 -5.42 -5.28 4.25
N ASP A 50 -5.21 -4.49 5.29
CA ASP A 50 -4.55 -4.92 6.52
C ASP A 50 -5.50 -4.70 7.71
N GLU A 51 -6.21 -5.76 8.10
CA GLU A 51 -7.13 -5.69 9.25
C GLU A 51 -6.41 -5.52 10.60
N GLN A 52 -5.20 -6.06 10.75
CA GLN A 52 -4.41 -5.90 11.99
C GLN A 52 -4.10 -4.43 12.28
N ARG A 53 -3.61 -3.73 11.27
CA ARG A 53 -3.24 -2.31 11.38
C ARG A 53 -4.31 -1.31 10.95
N ASP A 54 -5.45 -1.81 10.47
CA ASP A 54 -6.57 -0.98 9.98
C ASP A 54 -6.14 -0.02 8.88
N GLN A 55 -5.45 -0.58 7.88
CA GLN A 55 -4.95 0.15 6.70
C GLN A 55 -5.60 -0.48 5.48
N TYR A 56 -6.23 0.33 4.64
CA TYR A 56 -7.03 -0.12 3.47
C TYR A 56 -6.64 0.75 2.28
N LEU A 57 -5.99 0.15 1.28
CA LEU A 57 -5.44 0.90 0.15
C LEU A 57 -5.59 0.22 -1.18
N TRP A 58 -5.89 1.06 -2.17
CA TRP A 58 -6.04 0.68 -3.55
C TRP A 58 -5.10 1.60 -4.34
N LEU A 59 -4.16 0.96 -5.04
CA LEU A 59 -3.21 1.66 -5.90
C LEU A 59 -3.15 0.99 -7.27
N CYS A 60 -2.53 1.68 -8.22
CA CYS A 60 -2.28 1.10 -9.53
C CYS A 60 -0.75 1.20 -9.73
N CYS A 61 -0.20 0.20 -10.42
CA CYS A 61 1.24 0.11 -10.61
C CYS A 61 1.59 -0.61 -11.90
N GLY A 62 2.61 -0.09 -12.59
CA GLY A 62 3.08 -0.66 -13.84
C GLY A 62 3.84 0.35 -14.66
N TRP A 63 3.88 0.11 -15.98
CA TRP A 63 4.55 0.98 -16.94
C TRP A 63 3.64 1.35 -18.09
N ASP A 64 3.64 2.65 -18.43
CA ASP A 64 2.93 3.22 -19.57
C ASP A 64 4.06 3.60 -20.50
N GLY A 65 4.48 2.65 -21.34
CA GLY A 65 5.62 2.82 -22.25
C GLY A 65 6.84 2.86 -21.34
N LYS A 66 7.63 3.94 -21.46
CA LYS A 66 8.80 4.19 -20.61
C LYS A 66 8.47 4.90 -19.28
N LYS A 67 7.22 5.31 -19.05
CA LYS A 67 6.81 6.05 -17.84
C LYS A 67 6.36 5.10 -16.73
N ARG A 68 7.03 5.16 -15.57
CA ARG A 68 6.67 4.37 -14.38
C ARG A 68 5.40 4.94 -13.78
N VAL A 69 4.38 4.09 -13.56
CA VAL A 69 3.13 4.48 -12.92
C VAL A 69 3.08 3.78 -11.54
N GLN A 70 2.81 4.55 -10.49
CA GLN A 70 2.72 4.03 -9.11
C GLN A 70 1.91 5.09 -8.37
N HIS A 71 0.60 4.89 -8.34
CA HIS A 71 -0.37 5.87 -7.89
C HIS A 71 -1.44 5.32 -6.94
N ILE A 72 -1.58 5.96 -5.78
CA ILE A 72 -2.57 5.64 -4.75
C ILE A 72 -3.91 6.24 -5.24
N ILE A 73 -4.91 5.39 -5.35
CA ILE A 73 -6.25 5.77 -5.82
C ILE A 73 -7.20 6.04 -4.64
N LEU A 74 -7.21 5.12 -3.69
CA LEU A 74 -8.09 5.21 -2.53
C LEU A 74 -7.33 4.69 -1.30
N TYR A 75 -7.31 5.49 -0.23
CA TYR A 75 -6.57 5.13 1.00
C TYR A 75 -7.33 5.57 2.24
N LEU A 76 -7.65 4.59 3.09
CA LEU A 76 -8.39 4.80 4.33
C LEU A 76 -7.71 4.07 5.47
N GLN A 77 -7.83 4.63 6.67
CA GLN A 77 -7.32 3.99 7.88
C GLN A 77 -8.22 4.28 9.08
N ILE A 78 -8.16 3.42 10.09
CA ILE A 78 -8.90 3.62 11.33
C ILE A 78 -7.86 3.93 12.40
N GLN A 79 -8.00 5.07 13.08
CA GLN A 79 -7.12 5.45 14.21
C GLN A 79 -7.89 6.30 15.22
N ASN A 80 -7.71 5.97 16.49
CA ASN A 80 -8.44 6.57 17.62
C ASN A 80 -9.97 6.48 17.44
N GLY A 81 -10.39 5.31 16.94
CA GLY A 81 -11.79 5.01 16.65
C GLY A 81 -12.46 5.80 15.53
N LYS A 82 -11.68 6.45 14.67
CA LYS A 82 -12.19 7.26 13.55
C LYS A 82 -11.62 6.83 12.21
N ILE A 83 -12.38 7.06 11.14
CA ILE A 83 -12.02 6.70 9.77
C ILE A 83 -11.38 7.91 9.15
N TRP A 84 -10.13 7.76 8.74
CA TRP A 84 -9.37 8.81 8.06
C TRP A 84 -9.37 8.51 6.58
N ILE A 85 -9.97 9.41 5.79
CA ILE A 85 -9.95 9.28 4.33
C ILE A 85 -8.69 10.05 3.92
N GLU A 86 -7.65 9.30 3.55
CA GLU A 86 -6.35 9.88 3.18
C GLU A 86 -6.30 10.23 1.70
N GLU A 87 -6.95 9.42 0.86
CA GLU A 87 -7.03 9.66 -0.59
C GLU A 87 -8.40 9.17 -1.08
N ASP A 88 -9.10 10.02 -1.84
CA ASP A 88 -10.44 9.73 -2.36
C ASP A 88 -10.53 9.95 -3.88
N SER A 89 -10.93 8.92 -4.61
CA SER A 89 -11.16 8.94 -6.04
C SER A 89 -12.65 9.09 -6.39
N THR A 90 -13.54 9.15 -5.38
CA THR A 90 -14.97 9.07 -5.59
C THR A 90 -15.79 10.34 -5.44
N ASN A 91 -15.15 11.51 -5.27
CA ASN A 91 -15.86 12.80 -5.07
C ASN A 91 -16.83 12.73 -3.87
N LEU A 92 -16.34 12.12 -2.79
CA LEU A 92 -17.09 11.91 -1.53
C LEU A 92 -18.23 10.90 -1.56
N ALA A 93 -18.39 10.13 -2.65
CA ALA A 93 -19.40 9.07 -2.71
C ALA A 93 -19.17 8.04 -1.58
N ILE A 94 -17.88 7.74 -1.27
CA ILE A 94 -17.54 6.83 -0.16
C ILE A 94 -18.03 7.33 1.21
N VAL A 95 -17.97 8.65 1.41
CA VAL A 95 -18.48 9.28 2.65
C VAL A 95 -19.99 9.12 2.66
N ASP A 96 -20.64 9.34 1.51
CA ASP A 96 -22.11 9.15 1.44
C ASP A 96 -22.52 7.72 1.85
N GLU A 97 -21.76 6.72 1.38
CA GLU A 97 -22.00 5.31 1.73
C GLU A 97 -21.76 5.02 3.22
N MSE A 98 -20.75 5.65 3.82
CA MSE A 98 -20.46 5.54 5.28
C MSE A 98 -21.61 6.09 6.14
O MSE A 98 -21.97 5.45 7.13
CB MSE A 98 -19.16 6.26 5.67
CG MSE A 98 -17.96 5.55 5.16
SE MSE A 98 -16.34 6.64 5.40
CE MSE A 98 -15.28 5.64 4.12
N LEU A 99 -22.19 7.22 5.73
CA LEU A 99 -23.34 7.83 6.43
C LEU A 99 -24.56 6.91 6.36
N VAL A 100 -24.82 6.34 5.17
CA VAL A 100 -25.89 5.34 4.92
C VAL A 100 -25.67 4.08 5.80
N ALA A 101 -24.40 3.74 6.04
CA ALA A 101 -24.02 2.63 6.94
C ALA A 101 -24.09 3.03 8.46
N GLY A 102 -24.62 4.21 8.80
CA GLY A 102 -24.78 4.68 10.18
C GLY A 102 -23.56 5.24 10.85
N ILE A 103 -22.48 5.46 10.10
CA ILE A 103 -21.25 6.00 10.67
C ILE A 103 -21.51 7.51 10.86
N PRO A 104 -21.38 8.05 12.11
CA PRO A 104 -21.60 9.48 12.32
C PRO A 104 -20.47 10.28 11.67
N GLN A 105 -20.78 11.48 11.17
CA GLN A 105 -19.78 12.30 10.50
C GLN A 105 -18.60 12.72 11.35
N THR A 106 -18.81 12.84 12.66
CA THR A 106 -17.73 13.11 13.63
C THR A 106 -16.69 11.99 13.70
N ASP A 107 -17.05 10.76 13.27
CA ASP A 107 -16.10 9.62 13.18
C ASP A 107 -15.44 9.45 11.82
N ILE A 108 -15.66 10.40 10.91
CA ILE A 108 -15.08 10.41 9.56
C ILE A 108 -14.23 11.69 9.46
N ILE A 109 -12.93 11.53 9.17
CA ILE A 109 -11.99 12.65 8.99
C ILE A 109 -11.50 12.66 7.54
N LEU A 110 -11.50 13.84 6.92
CA LEU A 110 -11.01 14.02 5.55
C LEU A 110 -9.52 14.39 5.66
N GLY A 111 -8.68 13.35 5.73
CA GLY A 111 -7.20 13.48 5.83
C GLY A 111 -6.57 14.31 4.72
N PHE A 112 -7.16 14.20 3.53
CA PHE A 112 -6.74 14.95 2.33
C PHE A 112 -6.99 16.46 2.36
N HIS A 113 -7.91 16.98 3.18
CA HIS A 113 -8.18 18.44 3.32
CA HIS A 113 -8.11 18.44 3.23
C HIS A 113 -7.47 18.89 4.58
N HIS A 114 -6.58 19.89 4.48
CA HIS A 114 -5.77 20.44 5.58
C HIS A 114 -6.46 20.58 6.96
N PRO A 115 -5.80 20.17 8.07
CA PRO A 115 -6.33 20.31 9.45
C PRO A 115 -7.01 21.65 9.81
N SER A 116 -6.46 22.74 9.27
CA SER A 116 -6.98 24.12 9.44
C SER A 116 -8.46 24.30 9.03
N LYS A 117 -8.94 23.54 8.03
CA LYS A 117 -10.35 23.61 7.55
C LYS A 117 -11.39 22.70 8.29
N ARG A 118 -10.98 21.99 9.34
CA ARG A 118 -11.86 21.05 10.08
C ARG A 118 -12.39 21.58 11.41
N GLY A 119 -11.58 22.36 12.14
CA GLY A 119 -11.97 22.91 13.44
C GLY A 119 -12.98 24.04 13.38
N ASP B 3 4.85 -24.22 0.46
CA ASP B 3 6.22 -24.39 1.04
C ASP B 3 7.13 -23.27 0.52
N LYS B 4 7.27 -23.18 -0.81
CA LYS B 4 8.07 -22.13 -1.48
C LYS B 4 7.43 -20.78 -1.14
N LEU B 5 6.13 -20.67 -1.41
CA LEU B 5 5.32 -19.46 -1.12
C LEU B 5 5.30 -19.03 0.36
N THR B 6 5.08 -19.97 1.28
CA THR B 6 5.07 -19.68 2.74
C THR B 6 6.42 -19.13 3.23
N HIS B 7 7.52 -19.72 2.72
CA HIS B 7 8.88 -19.26 3.02
C HIS B 7 9.09 -17.81 2.49
N TYR B 8 8.67 -17.58 1.25
CA TYR B 8 8.73 -16.26 0.59
C TYR B 8 7.92 -15.21 1.34
N ARG B 9 6.72 -15.58 1.81
CA ARG B 9 5.84 -14.70 2.60
C ARG B 9 6.52 -14.28 3.91
N HIS B 10 6.99 -15.28 4.66
CA HIS B 10 7.73 -15.08 5.93
C HIS B 10 8.96 -14.20 5.74
N THR B 11 9.73 -14.48 4.68
CA THR B 11 10.96 -13.74 4.35
C THR B 11 10.69 -12.26 4.10
N ILE B 12 9.76 -11.97 3.20
CA ILE B 12 9.50 -10.58 2.82
C ILE B 12 8.77 -9.81 3.96
N GLN B 13 7.96 -10.49 4.79
CA GLN B 13 7.32 -9.85 5.97
C GLN B 13 8.37 -9.49 7.03
N GLU B 14 9.33 -10.41 7.25
CA GLU B 14 10.43 -10.20 8.18
C GLU B 14 11.33 -9.06 7.66
N ILE B 15 11.58 -9.01 6.34
CA ILE B 15 12.40 -7.94 5.72
C ILE B 15 11.73 -6.55 5.84
N ILE B 16 10.47 -6.46 5.43
CA ILE B 16 9.72 -5.17 5.44
C ILE B 16 9.64 -4.58 6.88
N LYS B 17 9.34 -5.44 7.87
CA LYS B 17 9.30 -5.04 9.28
C LYS B 17 10.66 -4.63 9.83
N LYS B 18 11.74 -5.28 9.39
CA LYS B 18 13.12 -4.97 9.80
C LYS B 18 13.48 -3.54 9.44
N TYR B 19 13.38 -3.20 8.15
CA TYR B 19 13.66 -1.83 7.65
C TYR B 19 12.67 -0.77 8.15
N TYR B 20 11.42 -1.16 8.40
CA TYR B 20 10.39 -0.28 8.97
C TYR B 20 10.81 0.12 10.40
N ASP B 21 11.09 -0.88 11.25
CA ASP B 21 11.54 -0.66 12.64
C ASP B 21 12.86 0.11 12.72
N LEU B 22 13.78 -0.24 11.81
CA LEU B 22 15.11 0.40 11.69
C LEU B 22 15.03 1.92 11.37
N SER B 23 13.99 2.34 10.63
CA SER B 23 13.78 3.74 10.22
C SER B 23 12.95 4.58 11.23
N ASN B 24 11.96 3.98 11.91
CA ASN B 24 11.16 4.66 12.96
C ASN B 24 10.85 3.77 14.20
N SER B 25 11.63 3.97 15.28
CA SER B 25 11.49 3.25 16.56
C SER B 25 11.28 4.22 17.72
N LEU B 39 -0.97 14.12 17.06
CA LEU B 39 -0.35 12.86 16.63
C LEU B 39 -0.68 12.40 15.18
N PRO B 40 -1.98 12.21 14.83
CA PRO B 40 -2.34 11.63 13.51
C PRO B 40 -2.15 12.45 12.20
N ASP B 41 -2.13 13.78 12.29
CA ASP B 41 -1.97 14.68 11.10
C ASP B 41 -0.53 14.86 10.62
N THR B 42 0.47 14.62 11.48
CA THR B 42 1.89 14.77 11.11
C THR B 42 2.30 13.67 10.13
N VAL B 43 3.39 13.93 9.38
CA VAL B 43 3.92 12.95 8.42
C VAL B 43 4.45 11.79 9.26
N GLY B 44 3.77 10.65 9.12
CA GLY B 44 4.07 9.43 9.84
C GLY B 44 4.05 8.24 8.90
N ASP B 45 4.85 7.24 9.25
CA ASP B 45 4.99 6.01 8.51
C ASP B 45 3.86 5.04 8.89
N ARG B 46 3.38 4.28 7.90
CA ARG B 46 2.33 3.27 8.06
CA ARG B 46 2.33 3.27 8.05
C ARG B 46 2.76 2.01 7.29
N LEU B 47 2.49 0.84 7.87
CA LEU B 47 2.82 -0.47 7.30
C LEU B 47 1.48 -1.11 6.91
N ILE B 48 1.40 -1.66 5.68
CA ILE B 48 0.16 -2.27 5.16
C ILE B 48 0.54 -3.63 4.60
N ILE B 49 0.29 -4.66 5.39
CA ILE B 49 0.58 -6.06 5.04
C ILE B 49 -0.73 -6.79 4.74
N ASP B 50 -0.80 -7.40 3.56
CA ASP B 50 -1.94 -8.19 3.11
C ASP B 50 -1.41 -9.56 2.65
N GLU B 51 -1.46 -10.53 3.57
CA GLU B 51 -1.00 -11.91 3.32
C GLU B 51 -1.89 -12.65 2.32
N GLN B 52 -3.21 -12.42 2.37
CA GLN B 52 -4.19 -13.02 1.45
C GLN B 52 -3.95 -12.64 0.00
N ARG B 53 -3.64 -11.37 -0.25
CA ARG B 53 -3.33 -10.85 -1.61
C ARG B 53 -1.82 -10.74 -1.93
N ASP B 54 -0.94 -11.02 -0.96
CA ASP B 54 0.54 -10.94 -1.09
C ASP B 54 1.01 -9.55 -1.53
N GLN B 55 0.49 -8.54 -0.83
CA GLN B 55 0.81 -7.12 -1.05
C GLN B 55 1.38 -6.64 0.28
N TYR B 56 2.58 -6.08 0.23
CA TYR B 56 3.33 -5.62 1.41
C TYR B 56 3.84 -4.23 1.11
N LEU B 57 3.34 -3.23 1.84
CA LEU B 57 3.69 -1.84 1.59
C LEU B 57 3.96 -1.01 2.83
N TRP B 58 4.93 -0.12 2.69
CA TRP B 58 5.36 0.82 3.68
C TRP B 58 5.32 2.18 3.00
N LEU B 59 4.51 3.08 3.57
CA LEU B 59 4.39 4.45 3.10
C LEU B 59 4.44 5.43 4.25
N CYS B 60 4.62 6.70 3.92
CA CYS B 60 4.51 7.80 4.87
C CYS B 60 3.39 8.72 4.37
N CYS B 61 2.61 9.26 5.30
CA CYS B 61 1.49 10.11 4.97
C CYS B 61 1.21 11.13 6.07
N GLY B 62 0.90 12.35 5.65
CA GLY B 62 0.58 13.47 6.52
C GLY B 62 0.77 14.82 5.85
N TRP B 63 0.97 15.84 6.68
CA TRP B 63 1.15 17.22 6.23
C TRP B 63 2.45 17.83 6.74
N ASP B 64 3.21 18.46 5.83
CA ASP B 64 4.45 19.19 6.13
C ASP B 64 4.02 20.67 5.95
N GLY B 65 3.34 21.22 6.96
CA GLY B 65 2.76 22.57 6.92
C GLY B 65 1.54 22.50 6.02
N LYS B 66 1.56 23.24 4.89
CA LYS B 66 0.50 23.18 3.85
C LYS B 66 0.74 22.08 2.79
N LYS B 67 1.89 21.43 2.79
CA LYS B 67 2.28 20.42 1.80
C LYS B 67 1.76 19.02 2.18
N ARG B 68 0.96 18.43 1.30
CA ARG B 68 0.41 17.08 1.47
C ARG B 68 1.49 16.07 1.10
N VAL B 69 1.85 15.18 2.04
CA VAL B 69 2.85 14.12 1.83
C VAL B 69 2.11 12.78 1.77
N GLN B 70 2.35 12.00 0.72
CA GLN B 70 1.73 10.67 0.55
C GLN B 70 2.69 9.95 -0.38
N HIS B 71 3.67 9.27 0.24
CA HIS B 71 4.81 8.68 -0.45
C HIS B 71 5.08 7.20 -0.09
N ILE B 72 5.18 6.36 -1.12
CA ILE B 72 5.52 4.93 -0.99
C ILE B 72 7.03 4.84 -0.78
N ILE B 73 7.44 4.16 0.31
CA ILE B 73 8.85 3.96 0.71
CA ILE B 73 8.85 3.98 0.69
C ILE B 73 9.34 2.61 0.20
N LEU B 74 8.57 1.56 0.49
CA LEU B 74 8.91 0.19 0.12
C LEU B 74 7.64 -0.55 -0.23
N TYR B 75 7.63 -1.20 -1.40
CA TYR B 75 6.48 -1.93 -1.89
C TYR B 75 6.95 -3.23 -2.56
N LEU B 76 6.45 -4.34 -2.02
CA LEU B 76 6.75 -5.68 -2.47
C LEU B 76 5.46 -6.47 -2.66
N GLN B 77 5.43 -7.29 -3.70
CA GLN B 77 4.33 -8.21 -3.96
C GLN B 77 4.86 -9.57 -4.47
N ILE B 78 4.11 -10.63 -4.19
CA ILE B 78 4.42 -11.98 -4.65
C ILE B 78 3.38 -12.21 -5.75
N GLN B 79 3.85 -12.45 -6.97
CA GLN B 79 3.00 -12.66 -8.15
C GLN B 79 3.59 -13.76 -9.04
N ASN B 80 2.79 -14.81 -9.31
CA ASN B 80 3.19 -15.97 -10.13
C ASN B 80 4.44 -16.68 -9.57
N GLY B 81 4.48 -16.81 -8.24
CA GLY B 81 5.60 -17.43 -7.54
C GLY B 81 6.90 -16.64 -7.50
N LYS B 82 6.87 -15.34 -7.79
CA LYS B 82 8.07 -14.47 -7.77
C LYS B 82 7.83 -13.20 -6.95
N ILE B 83 8.90 -12.70 -6.33
CA ILE B 83 8.90 -11.51 -5.50
C ILE B 83 9.18 -10.32 -6.43
N TRP B 84 8.26 -9.37 -6.47
CA TRP B 84 8.36 -8.14 -7.27
C TRP B 84 8.68 -7.00 -6.32
N ILE B 85 9.85 -6.37 -6.49
CA ILE B 85 10.24 -5.20 -5.69
C ILE B 85 9.80 -4.02 -6.57
N GLU B 86 8.62 -3.48 -6.24
CA GLU B 86 8.01 -2.35 -6.97
C GLU B 86 8.55 -0.97 -6.54
N GLU B 87 9.02 -0.85 -5.31
CA GLU B 87 9.59 0.40 -4.80
C GLU B 87 10.55 0.01 -3.70
N ASP B 88 11.74 0.61 -3.71
CA ASP B 88 12.81 0.33 -2.78
C ASP B 88 13.49 1.60 -2.33
N SER B 89 13.72 1.70 -1.01
CA SER B 89 14.42 2.81 -0.31
C SER B 89 15.81 2.44 0.28
N THR B 90 16.22 1.18 0.13
CA THR B 90 17.46 0.63 0.70
C THR B 90 18.68 0.51 -0.22
N ASN B 91 18.53 0.95 -1.49
CA ASN B 91 19.58 0.86 -2.53
CA ASN B 91 19.58 0.85 -2.53
C ASN B 91 19.97 -0.63 -2.73
N LEU B 92 18.94 -1.48 -2.79
CA LEU B 92 19.02 -2.94 -2.96
C LEU B 92 19.57 -3.73 -1.77
N ALA B 93 19.67 -3.13 -0.57
CA ALA B 93 20.09 -3.85 0.65
C ALA B 93 19.12 -5.01 0.97
N ILE B 94 17.83 -4.84 0.66
CA ILE B 94 16.81 -5.88 0.85
C ILE B 94 17.02 -7.12 -0.05
N VAL B 95 17.64 -6.95 -1.22
CA VAL B 95 17.95 -8.09 -2.13
C VAL B 95 18.95 -9.05 -1.48
N ASP B 96 19.97 -8.50 -0.80
CA ASP B 96 20.96 -9.28 -0.07
C ASP B 96 20.29 -10.16 0.98
N GLU B 97 19.31 -9.58 1.69
CA GLU B 97 18.56 -10.32 2.71
C GLU B 97 17.74 -11.49 2.13
N MSE B 98 17.19 -11.29 0.93
CA MSE B 98 16.42 -12.34 0.22
C MSE B 98 17.34 -13.48 -0.24
O MSE B 98 16.98 -14.64 -0.08
CB MSE B 98 15.65 -11.76 -0.97
CG MSE B 98 14.55 -10.79 -0.58
SE MSE B 98 13.82 -9.94 -2.16
CE MSE B 98 12.71 -8.64 -1.29
N LEU B 99 18.51 -13.15 -0.80
CA LEU B 99 19.51 -14.14 -1.24
C LEU B 99 20.05 -14.94 -0.05
N VAL B 100 20.28 -14.27 1.08
CA VAL B 100 20.69 -14.90 2.36
C VAL B 100 19.56 -15.82 2.91
N ALA B 101 18.30 -15.52 2.58
CA ALA B 101 17.15 -16.37 2.94
C ALA B 101 16.91 -17.51 1.90
N GLY B 102 17.83 -17.77 0.98
CA GLY B 102 17.69 -18.84 -0.02
C GLY B 102 16.69 -18.60 -1.14
N ILE B 103 16.41 -17.33 -1.43
CA ILE B 103 15.51 -16.95 -2.51
C ILE B 103 16.48 -16.76 -3.68
N PRO B 104 16.30 -17.53 -4.78
CA PRO B 104 17.20 -17.37 -5.93
C PRO B 104 16.89 -16.07 -6.68
N GLN B 105 17.93 -15.51 -7.35
CA GLN B 105 17.80 -14.26 -8.14
C GLN B 105 16.75 -14.34 -9.26
N THR B 106 16.52 -15.56 -9.78
CA THR B 106 15.48 -15.82 -10.81
C THR B 106 14.04 -15.63 -10.31
N ASP B 107 13.83 -15.63 -8.97
CA ASP B 107 12.51 -15.37 -8.34
C ASP B 107 12.34 -13.94 -7.75
N ILE B 108 13.28 -13.03 -8.07
CA ILE B 108 13.28 -11.62 -7.66
C ILE B 108 13.17 -10.77 -8.95
N ILE B 109 12.17 -9.90 -9.03
CA ILE B 109 11.96 -8.99 -10.18
C ILE B 109 12.00 -7.55 -9.68
N LEU B 110 12.82 -6.72 -10.32
CA LEU B 110 12.90 -5.30 -10.00
C LEU B 110 11.87 -4.61 -10.86
N GLY B 111 10.63 -4.55 -10.33
CA GLY B 111 9.49 -3.89 -10.94
C GLY B 111 9.73 -2.41 -11.17
N PHE B 112 10.50 -1.77 -10.29
CA PHE B 112 10.91 -0.36 -10.48
C PHE B 112 11.90 -0.14 -11.66
N HIS B 113 12.55 -1.19 -12.17
CA HIS B 113 13.36 -1.08 -13.40
C HIS B 113 12.39 -1.27 -14.57
N HIS B 114 12.55 -0.55 -15.67
CA HIS B 114 11.71 -0.76 -16.87
C HIS B 114 11.88 -2.23 -17.36
N PRO B 115 10.80 -2.91 -17.83
CA PRO B 115 10.92 -4.33 -18.32
C PRO B 115 12.13 -4.62 -19.22
N SER B 116 12.41 -3.73 -20.16
CA SER B 116 13.57 -3.82 -21.07
C SER B 116 14.97 -3.65 -20.41
N LYS B 117 15.02 -3.17 -19.16
CA LYS B 117 16.28 -2.98 -18.40
C LYS B 117 16.65 -4.17 -17.50
N ARG B 118 15.68 -5.03 -17.17
CA ARG B 118 15.84 -6.15 -16.22
C ARG B 118 16.91 -7.20 -16.50
N GLY B 119 17.16 -7.47 -17.78
CA GLY B 119 18.22 -8.40 -18.17
C GLY B 119 19.63 -7.88 -17.92
N LEU B 120 19.79 -6.55 -17.72
CA LEU B 120 21.10 -5.91 -17.45
C LEU B 120 21.60 -6.37 -16.07
N THR B 121 20.70 -6.39 -15.09
CA THR B 121 21.00 -6.86 -13.73
C THR B 121 20.94 -8.41 -13.68
N GLU B 122 21.33 -8.98 -12.53
CA GLU B 122 21.33 -10.44 -12.30
C GLU B 122 19.97 -11.07 -11.88
N PHE B 123 18.89 -10.28 -11.87
CA PHE B 123 17.54 -10.71 -11.43
C PHE B 123 16.61 -11.09 -12.58
N ALA B 124 15.42 -11.58 -12.23
CA ALA B 124 14.40 -12.00 -13.22
C ALA B 124 13.74 -10.82 -13.96
N ILE B 125 13.33 -11.10 -15.20
CA ILE B 125 12.67 -10.14 -16.11
C ILE B 125 11.15 -10.24 -15.90
N ALA B 126 10.61 -11.45 -15.79
CA ALA B 126 9.18 -11.68 -15.54
C ALA B 126 8.92 -13.01 -14.84
#